data_4WF5
#
_entry.id   4WF5
#
_cell.length_a   118.246
_cell.length_b   63.401
_cell.length_c   74.402
_cell.angle_alpha   90.00
_cell.angle_beta   126.19
_cell.angle_gamma   90.00
#
_symmetry.space_group_name_H-M   'C 1 2 1'
#
loop_
_entity.id
_entity.type
_entity.pdbx_description
1 polymer 'Thiol:disulfide interchange protein'
2 non-polymer '4-methyl-2-[4-(trifluoromethyl)phenyl]-1,3-thiazole-5-carboxylic acid'
3 non-polymer 'COPPER (II) ION'
4 non-polymer GLYCEROL
5 non-polymer 1,2-ETHANEDIOL
6 water water
#
_entity_poly.entity_id   1
_entity_poly.type   'polypeptide(L)'
_entity_poly.pdbx_seq_one_letter_code
;AQYEDGKQYTTLEKPVAGAPQVLEFFSFFCPHCYQFEEVLHISDNVKKKLPEGVKMTKYHVNFMGGDLGKDLTQAWAVAM
ALGVEDKVTVPLFEGVQKTQTIRSASDIRDVFINAGIKGEEYDAAWNSFVVKSLVAQQEKAAADVQLRGVPAMFVNGKYQ
LNPQGMDTSNMDVFVQQYADTVKYLSEKK
;
_entity_poly.pdbx_strand_id   A,B
#
loop_
_chem_comp.id
_chem_comp.type
_chem_comp.name
_chem_comp.formula
CU non-polymer 'COPPER (II) ION' 'Cu 2'
EDO non-polymer 1,2-ETHANEDIOL 'C2 H6 O2'
GOL non-polymer GLYCEROL 'C3 H8 O3'
WF4 non-polymer '4-methyl-2-[4-(trifluoromethyl)phenyl]-1,3-thiazole-5-carboxylic acid' 'C12 H8 F3 N O2 S'
#
# COMPACT_ATOMS: atom_id res chain seq x y z
N ALA A 1 -4.39 -4.13 33.72
CA ALA A 1 -3.04 -3.60 33.59
C ALA A 1 -2.90 -2.84 32.28
N GLN A 2 -1.85 -2.03 32.18
CA GLN A 2 -1.61 -1.26 30.97
C GLN A 2 -1.35 -2.16 29.79
N TYR A 3 -0.45 -3.14 29.93
CA TYR A 3 -0.31 -4.18 28.92
C TYR A 3 -1.08 -5.41 29.36
N GLU A 4 -1.84 -6.01 28.45
CA GLU A 4 -2.64 -7.19 28.75
C GLU A 4 -2.64 -8.21 27.62
N ASP A 5 -2.55 -9.48 27.99
CA ASP A 5 -2.71 -10.58 27.06
C ASP A 5 -4.11 -10.46 26.44
N GLY A 6 -4.16 -10.46 25.11
CA GLY A 6 -5.42 -10.25 24.40
C GLY A 6 -5.65 -8.81 23.97
N LYS A 7 -4.83 -7.92 24.49
CA LYS A 7 -4.91 -6.49 24.17
C LYS A 7 -3.84 -6.13 23.13
N GLN A 8 -2.67 -5.68 23.59
CA GLN A 8 -1.59 -5.32 22.66
C GLN A 8 -0.85 -6.51 22.08
N TYR A 9 -1.09 -7.69 22.64
CA TYR A 9 -0.41 -8.90 22.20
C TYR A 9 -1.24 -10.13 22.55
N THR A 10 -0.91 -11.25 21.94
CA THR A 10 -1.50 -12.53 22.30
C THR A 10 -0.39 -13.53 22.57
N THR A 11 -0.76 -14.63 23.20
CA THR A 11 0.22 -15.62 23.60
C THR A 11 0.01 -16.89 22.78
N LEU A 12 1.07 -17.35 22.12
CA LEU A 12 0.99 -18.57 21.33
C LEU A 12 0.69 -19.79 22.21
N GLU A 13 -0.23 -20.63 21.77
CA GLU A 13 -0.56 -21.83 22.52
C GLU A 13 0.63 -22.78 22.52
N LYS A 14 1.35 -22.81 21.40
CA LYS A 14 2.54 -23.63 21.27
C LYS A 14 3.77 -22.76 21.02
N PRO A 15 4.49 -22.41 22.09
CA PRO A 15 5.70 -21.61 21.93
C PRO A 15 6.76 -22.32 21.10
N VAL A 16 7.46 -21.51 20.31
CA VAL A 16 8.44 -21.99 19.35
C VAL A 16 9.83 -22.04 19.96
N ALA A 17 10.41 -23.24 20.01
CA ALA A 17 11.74 -23.43 20.57
C ALA A 17 12.81 -22.82 19.66
N GLY A 18 13.75 -22.09 20.26
CA GLY A 18 14.86 -21.50 19.54
C GLY A 18 14.51 -20.44 18.51
N ALA A 19 13.39 -19.76 18.72
CA ALA A 19 12.94 -18.71 17.81
C ALA A 19 13.81 -17.47 17.95
N PRO A 20 13.90 -16.67 16.88
CA PRO A 20 14.55 -15.36 17.00
C PRO A 20 13.90 -14.51 18.08
N GLN A 21 14.66 -13.61 18.71
CA GLN A 21 14.12 -12.78 19.78
C GLN A 21 12.96 -11.92 19.27
N VAL A 22 13.15 -11.31 18.10
CA VAL A 22 12.14 -10.43 17.53
C VAL A 22 12.03 -10.80 16.07
N LEU A 23 10.87 -11.31 15.69
CA LEU A 23 10.71 -11.90 14.37
C LEU A 23 9.55 -11.29 13.63
N GLU A 24 9.86 -10.56 12.56
N GLU A 24 9.86 -10.66 12.51
CA GLU A 24 8.84 -9.97 11.69
CA GLU A 24 8.87 -9.99 11.71
C GLU A 24 8.65 -10.82 10.44
C GLU A 24 8.67 -10.70 10.37
N PHE A 25 7.41 -10.87 9.96
CA PHE A 25 7.09 -11.48 8.66
C PHE A 25 6.45 -10.42 7.78
N PHE A 26 6.78 -10.45 6.49
CA PHE A 26 6.19 -9.52 5.55
C PHE A 26 6.17 -10.13 4.15
N SER A 27 5.48 -9.46 3.24
CA SER A 27 5.57 -9.75 1.82
C SER A 27 5.70 -8.45 1.06
N PHE A 28 6.51 -8.45 0.00
CA PHE A 28 6.56 -7.28 -0.87
C PHE A 28 5.25 -7.08 -1.65
N PHE A 29 4.35 -8.07 -1.67
CA PHE A 29 3.01 -7.92 -2.25
C PHE A 29 1.96 -7.36 -1.28
N CYS A 30 2.32 -7.27 -0.02
CA CYS A 30 1.37 -6.96 1.05
C CYS A 30 1.21 -5.43 1.20
N PRO A 31 0.01 -4.90 0.88
CA PRO A 31 -0.17 -3.43 0.95
C PRO A 31 0.05 -2.86 2.35
N HIS A 32 -0.39 -3.57 3.38
CA HIS A 32 -0.18 -3.05 4.73
C HIS A 32 1.29 -3.10 5.09
N CYS A 33 2.01 -4.06 4.50
CA CYS A 33 3.45 -4.19 4.71
C CYS A 33 4.18 -3.01 4.08
N TYR A 34 3.73 -2.59 2.90
CA TYR A 34 4.27 -1.39 2.28
C TYR A 34 4.13 -0.19 3.23
N GLN A 35 2.96 -0.07 3.86
CA GLN A 35 2.71 1.03 4.79
C GLN A 35 3.60 0.89 6.02
N PHE A 36 3.72 -0.33 6.55
CA PHE A 36 4.58 -0.56 7.72
C PHE A 36 6.02 -0.12 7.46
N GLU A 37 6.53 -0.41 6.27
N GLU A 37 6.52 -0.32 6.25
CA GLU A 37 7.88 0.01 5.87
CA GLU A 37 7.91 0.01 5.98
C GLU A 37 7.98 1.49 5.60
C GLU A 37 8.12 1.45 5.49
N GLU A 38 7.31 1.94 4.55
CA GLU A 38 7.54 3.27 4.00
C GLU A 38 6.90 4.43 4.74
N VAL A 39 5.78 4.18 5.41
CA VAL A 39 5.03 5.25 6.03
C VAL A 39 5.16 5.21 7.56
N LEU A 40 5.14 4.01 8.13
CA LEU A 40 5.24 3.87 9.58
C LEU A 40 6.67 3.58 10.07
N HIS A 41 7.48 2.99 9.20
CA HIS A 41 8.83 2.52 9.55
C HIS A 41 8.82 1.74 10.86
N ILE A 42 7.95 0.74 10.91
CA ILE A 42 7.78 -0.05 12.12
C ILE A 42 9.08 -0.69 12.58
N SER A 43 9.83 -1.33 11.67
CA SER A 43 11.04 -2.03 12.08
C SER A 43 12.06 -1.09 12.70
N ASP A 44 12.28 0.04 12.05
CA ASP A 44 13.25 1.03 12.53
CA ASP A 44 13.28 0.98 12.54
C ASP A 44 12.88 1.51 13.92
N ASN A 45 11.60 1.77 14.13
CA ASN A 45 11.17 2.30 15.42
C ASN A 45 11.18 1.25 16.51
N VAL A 46 10.90 -0.01 16.16
CA VAL A 46 11.09 -1.10 17.12
C VAL A 46 12.57 -1.19 17.49
N LYS A 47 13.45 -1.11 16.50
CA LYS A 47 14.89 -1.27 16.73
C LYS A 47 15.45 -0.24 17.70
N LYS A 48 15.05 1.02 17.56
CA LYS A 48 15.65 2.09 18.35
C LYS A 48 15.16 2.06 19.79
N LYS A 49 14.26 1.13 20.11
CA LYS A 49 13.80 1.03 21.49
C LYS A 49 14.16 -0.30 22.15
N LEU A 50 14.76 -1.20 21.39
CA LEU A 50 15.10 -2.50 21.95
C LEU A 50 16.37 -2.47 22.80
N PRO A 51 16.36 -3.22 23.90
CA PRO A 51 17.49 -3.42 24.83
C PRO A 51 18.77 -3.84 24.11
N GLU A 52 19.91 -3.65 24.76
CA GLU A 52 21.18 -4.09 24.21
C GLU A 52 21.23 -5.62 24.14
N GLY A 53 21.65 -6.15 23.00
CA GLY A 53 21.79 -7.59 22.84
C GLY A 53 20.56 -8.26 22.25
N VAL A 54 19.56 -7.46 21.86
CA VAL A 54 18.38 -8.01 21.22
C VAL A 54 18.40 -7.69 19.73
N LYS A 55 18.50 -8.72 18.91
CA LYS A 55 18.59 -8.56 17.46
C LYS A 55 17.24 -8.77 16.80
N MET A 56 17.05 -8.14 15.65
CA MET A 56 15.79 -8.23 14.93
C MET A 56 15.93 -9.06 13.67
N THR A 57 14.91 -9.86 13.40
CA THR A 57 14.93 -10.76 12.26
C THR A 57 13.68 -10.49 11.43
N LYS A 58 13.85 -10.44 10.12
CA LYS A 58 12.73 -10.20 9.23
C LYS A 58 12.73 -11.21 8.09
N TYR A 59 11.62 -11.93 7.94
CA TYR A 59 11.45 -12.96 6.92
C TYR A 59 10.32 -12.64 5.96
N HIS A 60 10.50 -13.06 4.72
CA HIS A 60 9.51 -12.90 3.67
C HIS A 60 8.62 -14.15 3.66
N VAL A 61 7.41 -14.03 3.12
CA VAL A 61 6.50 -15.17 3.06
C VAL A 61 6.10 -15.48 1.62
N ASN A 62 5.69 -16.74 1.40
CA ASN A 62 5.32 -17.18 0.06
C ASN A 62 3.88 -16.95 -0.33
N PHE A 63 2.98 -16.85 0.65
CA PHE A 63 1.57 -17.07 0.35
C PHE A 63 0.89 -15.92 -0.38
N MET A 64 1.60 -14.83 -0.64
CA MET A 64 1.05 -13.77 -1.49
C MET A 64 1.82 -13.72 -2.81
N GLY A 65 1.11 -13.65 -3.92
CA GLY A 65 1.75 -13.38 -5.19
C GLY A 65 2.20 -14.56 -6.01
N GLY A 66 1.79 -15.76 -5.62
CA GLY A 66 2.06 -16.95 -6.42
C GLY A 66 3.52 -17.16 -6.74
N ASP A 67 3.82 -17.32 -8.02
CA ASP A 67 5.17 -17.61 -8.48
C ASP A 67 6.13 -16.50 -8.06
N LEU A 68 5.74 -15.25 -8.31
CA LEU A 68 6.62 -14.13 -8.01
C LEU A 68 6.80 -13.98 -6.51
N GLY A 69 5.78 -14.36 -5.73
CA GLY A 69 5.91 -14.37 -4.28
C GLY A 69 7.05 -15.27 -3.83
N LYS A 70 7.13 -16.46 -4.43
CA LYS A 70 8.21 -17.38 -4.10
C LYS A 70 9.56 -16.86 -4.56
N ASP A 71 9.59 -16.26 -5.75
CA ASP A 71 10.81 -15.61 -6.22
C ASP A 71 11.27 -14.54 -5.23
N LEU A 72 10.32 -13.79 -4.68
CA LEU A 72 10.68 -12.74 -3.74
C LEU A 72 11.22 -13.29 -2.41
N THR A 73 10.70 -14.42 -1.96
CA THR A 73 11.25 -15.04 -0.75
C THR A 73 12.70 -15.47 -1.00
N GLN A 74 12.96 -15.99 -2.19
CA GLN A 74 14.31 -16.41 -2.55
C GLN A 74 15.24 -15.17 -2.68
N ALA A 75 14.72 -14.09 -3.27
CA ALA A 75 15.52 -12.86 -3.38
C ALA A 75 15.79 -12.26 -2.01
N TRP A 76 14.83 -12.37 -1.10
CA TRP A 76 15.05 -11.87 0.25
C TRP A 76 16.12 -12.71 0.96
N ALA A 77 16.13 -14.02 0.71
CA ALA A 77 17.20 -14.87 1.20
C ALA A 77 18.54 -14.38 0.63
N VAL A 78 18.57 -14.01 -0.65
CA VAL A 78 19.80 -13.45 -1.22
C VAL A 78 20.19 -12.16 -0.50
N ALA A 79 19.21 -11.29 -0.29
CA ALA A 79 19.46 -10.04 0.43
C ALA A 79 20.05 -10.29 1.81
N MET A 80 19.49 -11.28 2.53
CA MET A 80 20.02 -11.61 3.86
C MET A 80 21.44 -12.17 3.77
N ALA A 81 21.67 -13.05 2.82
CA ALA A 81 22.97 -13.69 2.67
C ALA A 81 24.04 -12.66 2.33
N LEU A 82 23.70 -11.68 1.49
CA LEU A 82 24.66 -10.67 1.07
C LEU A 82 24.70 -9.45 1.99
N GLY A 83 23.74 -9.35 2.90
CA GLY A 83 23.67 -8.23 3.82
C GLY A 83 23.25 -6.91 3.17
N VAL A 84 22.37 -6.98 2.16
CA VAL A 84 21.97 -5.79 1.43
C VAL A 84 20.49 -5.46 1.59
N GLU A 85 19.88 -5.94 2.67
CA GLU A 85 18.46 -5.66 2.93
C GLU A 85 18.10 -4.18 2.80
N ASP A 86 18.91 -3.31 3.41
CA ASP A 86 18.62 -1.87 3.39
C ASP A 86 18.76 -1.26 2.00
N LYS A 87 19.50 -1.91 1.10
CA LYS A 87 19.66 -1.38 -0.25
C LYS A 87 18.49 -1.74 -1.14
N VAL A 88 17.81 -2.85 -0.86
CA VAL A 88 16.81 -3.34 -1.80
C VAL A 88 15.37 -3.30 -1.27
N THR A 89 15.16 -3.05 0.02
CA THR A 89 13.79 -3.10 0.54
C THR A 89 12.87 -2.07 -0.12
N VAL A 90 13.30 -0.82 -0.20
CA VAL A 90 12.45 0.21 -0.80
C VAL A 90 12.25 -0.04 -2.31
N PRO A 91 13.34 -0.30 -3.07
CA PRO A 91 13.07 -0.52 -4.50
C PRO A 91 12.26 -1.78 -4.80
N LEU A 92 12.34 -2.82 -3.97
CA LEU A 92 11.48 -3.98 -4.17
C LEU A 92 10.01 -3.64 -3.85
N PHE A 93 9.75 -2.97 -2.72
CA PHE A 93 8.37 -2.55 -2.43
C PHE A 93 7.83 -1.66 -3.55
N GLU A 94 8.63 -0.71 -3.99
CA GLU A 94 8.12 0.21 -5.00
C GLU A 94 7.96 -0.48 -6.35
N GLY A 95 8.89 -1.37 -6.67
CA GLY A 95 8.81 -2.10 -7.92
C GLY A 95 7.58 -2.98 -8.00
N VAL A 96 7.21 -3.60 -6.87
CA VAL A 96 6.03 -4.45 -6.88
C VAL A 96 4.74 -3.66 -6.81
N GLN A 97 4.68 -2.66 -5.93
CA GLN A 97 3.39 -2.03 -5.64
C GLN A 97 3.18 -0.62 -6.20
N LYS A 98 4.25 0.14 -6.39
CA LYS A 98 4.12 1.51 -6.84
C LYS A 98 4.21 1.59 -8.36
N THR A 99 5.34 1.17 -8.90
CA THR A 99 5.55 1.27 -10.35
C THR A 99 5.09 0.00 -11.05
N GLN A 100 4.94 -1.09 -10.30
CA GLN A 100 4.58 -2.39 -10.88
C GLN A 100 5.47 -2.75 -12.06
N THR A 101 6.75 -2.47 -11.90
CA THR A 101 7.77 -2.83 -12.88
C THR A 101 8.44 -4.16 -12.55
N ILE A 102 8.05 -4.78 -11.45
CA ILE A 102 8.59 -6.10 -11.11
C ILE A 102 7.57 -7.17 -11.42
N ARG A 103 7.83 -7.94 -12.47
CA ARG A 103 6.88 -8.94 -12.97
C ARG A 103 7.50 -10.32 -13.12
N SER A 104 8.82 -10.38 -12.96
CA SER A 104 9.56 -11.63 -13.17
C SER A 104 10.78 -11.69 -12.25
N ALA A 105 11.39 -12.88 -12.17
CA ALA A 105 12.60 -13.04 -11.40
C ALA A 105 13.72 -12.13 -11.94
N SER A 106 13.76 -11.94 -13.25
N SER A 106 13.76 -11.91 -13.25
CA SER A 106 14.76 -11.07 -13.87
CA SER A 106 14.78 -11.05 -13.84
C SER A 106 14.59 -9.61 -13.40
C SER A 106 14.58 -9.59 -13.43
N ASP A 107 13.33 -9.18 -13.29
CA ASP A 107 13.02 -7.82 -12.84
C ASP A 107 13.48 -7.63 -11.39
N ILE A 108 13.31 -8.67 -10.57
CA ILE A 108 13.80 -8.63 -9.20
C ILE A 108 15.32 -8.45 -9.20
N ARG A 109 15.99 -9.25 -10.02
CA ARG A 109 17.44 -9.21 -10.14
C ARG A 109 17.92 -7.81 -10.54
N ASP A 110 17.19 -7.16 -11.45
CA ASP A 110 17.53 -5.83 -11.90
C ASP A 110 17.61 -4.84 -10.75
N VAL A 111 16.74 -4.99 -9.76
CA VAL A 111 16.76 -4.13 -8.59
C VAL A 111 18.10 -4.27 -7.87
N PHE A 112 18.59 -5.50 -7.73
CA PHE A 112 19.86 -5.73 -7.06
C PHE A 112 21.01 -5.16 -7.90
N ILE A 113 20.97 -5.39 -9.21
CA ILE A 113 22.02 -4.87 -10.08
C ILE A 113 22.05 -3.34 -10.00
N ASN A 114 20.88 -2.70 -10.07
CA ASN A 114 20.82 -1.24 -10.00
C ASN A 114 21.30 -0.73 -8.64
N ALA A 115 21.12 -1.54 -7.60
CA ALA A 115 21.58 -1.20 -6.25
C ALA A 115 23.07 -1.48 -6.03
N GLY A 116 23.75 -1.99 -7.06
CA GLY A 116 25.20 -2.14 -6.97
C GLY A 116 25.71 -3.54 -6.65
N ILE A 117 24.80 -4.48 -6.48
CA ILE A 117 25.18 -5.88 -6.32
C ILE A 117 25.62 -6.39 -7.69
N LYS A 118 26.80 -6.99 -7.78
CA LYS A 118 27.29 -7.46 -9.08
C LYS A 118 26.51 -8.67 -9.57
N GLY A 119 26.44 -8.82 -10.89
CA GLY A 119 25.65 -9.88 -11.50
C GLY A 119 26.07 -11.28 -11.09
N GLU A 120 27.38 -11.54 -11.11
CA GLU A 120 27.87 -12.87 -10.74
C GLU A 120 27.58 -13.13 -9.26
N GLU A 121 27.71 -12.10 -8.45
CA GLU A 121 27.47 -12.19 -7.01
C GLU A 121 26.02 -12.54 -6.70
N TYR A 122 25.10 -11.86 -7.38
CA TYR A 122 23.69 -12.16 -7.20
C TYR A 122 23.39 -13.60 -7.63
N ASP A 123 23.84 -13.96 -8.84
CA ASP A 123 23.51 -15.28 -9.40
C ASP A 123 24.11 -16.40 -8.58
N ALA A 124 25.35 -16.21 -8.12
CA ALA A 124 25.98 -17.22 -7.28
C ALA A 124 25.18 -17.41 -5.98
N ALA A 125 24.72 -16.31 -5.38
CA ALA A 125 23.91 -16.38 -4.17
C ALA A 125 22.57 -17.05 -4.46
N TRP A 126 21.90 -16.58 -5.50
CA TRP A 126 20.60 -17.12 -5.89
C TRP A 126 20.62 -18.64 -5.99
N ASN A 127 21.69 -19.18 -6.55
CA ASN A 127 21.81 -20.61 -6.80
C ASN A 127 22.47 -21.39 -5.66
N SER A 128 22.83 -20.71 -4.58
CA SER A 128 23.59 -21.34 -3.49
C SER A 128 22.74 -22.17 -2.54
N PHE A 129 23.38 -23.16 -1.91
CA PHE A 129 22.69 -23.94 -0.90
C PHE A 129 22.53 -23.17 0.41
N VAL A 130 23.41 -22.20 0.67
CA VAL A 130 23.16 -21.27 1.77
C VAL A 130 21.80 -20.57 1.58
N VAL A 131 21.52 -20.10 0.36
CA VAL A 131 20.25 -19.44 0.11
C VAL A 131 19.08 -20.43 0.17
N LYS A 132 19.27 -21.65 -0.35
N LYS A 132 19.28 -21.65 -0.34
CA LYS A 132 18.22 -22.67 -0.25
CA LYS A 132 18.23 -22.66 -0.26
C LYS A 132 17.83 -22.89 1.21
C LYS A 132 17.84 -22.96 1.19
N SER A 133 18.84 -22.97 2.07
CA SER A 133 18.59 -23.16 3.48
C SER A 133 17.84 -21.97 4.08
N LEU A 134 18.21 -20.75 3.67
CA LEU A 134 17.53 -19.55 4.18
C LEU A 134 16.07 -19.49 3.73
N VAL A 135 15.79 -19.97 2.53
CA VAL A 135 14.39 -20.06 2.09
C VAL A 135 13.64 -21.04 3.00
N ALA A 136 14.19 -22.23 3.21
CA ALA A 136 13.53 -23.21 4.08
C ALA A 136 13.34 -22.67 5.49
N GLN A 137 14.34 -21.93 5.98
N GLN A 137 14.33 -21.93 6.00
CA GLN A 137 14.30 -21.31 7.30
CA GLN A 137 14.23 -21.35 7.33
C GLN A 137 13.13 -20.33 7.44
C GLN A 137 13.08 -20.35 7.44
N GLN A 138 12.91 -19.52 6.41
CA GLN A 138 11.81 -18.57 6.42
C GLN A 138 10.48 -19.31 6.43
N GLU A 139 10.39 -20.36 5.61
CA GLU A 139 9.15 -21.13 5.53
C GLU A 139 8.84 -21.85 6.83
N LYS A 140 9.86 -22.48 7.42
N LYS A 140 9.86 -22.48 7.41
CA LYS A 140 9.70 -23.20 8.68
CA LYS A 140 9.70 -23.18 8.66
C LYS A 140 9.27 -22.26 9.81
C LYS A 140 9.23 -22.24 9.78
N ALA A 141 9.83 -21.06 9.84
CA ALA A 141 9.48 -20.10 10.90
C ALA A 141 8.02 -19.69 10.80
N ALA A 142 7.55 -19.45 9.59
CA ALA A 142 6.14 -19.16 9.36
C ALA A 142 5.24 -20.32 9.80
N ALA A 143 5.58 -21.54 9.42
CA ALA A 143 4.81 -22.70 9.85
C ALA A 143 4.77 -22.82 11.36
N ASP A 144 5.91 -22.57 12.00
CA ASP A 144 6.01 -22.77 13.44
C ASP A 144 5.15 -21.82 14.25
N VAL A 145 4.93 -20.60 13.73
CA VAL A 145 4.05 -19.65 14.44
C VAL A 145 2.63 -19.71 13.90
N GLN A 146 2.36 -20.68 13.03
CA GLN A 146 1.03 -20.89 12.46
C GLN A 146 0.56 -19.62 11.75
N LEU A 147 1.45 -19.05 10.96
CA LEU A 147 1.20 -17.75 10.34
C LEU A 147 -0.03 -17.77 9.42
N ARG A 148 -0.88 -16.75 9.57
CA ARG A 148 -2.14 -16.64 8.80
C ARG A 148 -2.13 -15.44 7.85
N GLY A 149 -1.27 -14.47 8.15
CA GLY A 149 -1.28 -13.23 7.40
C GLY A 149 -0.13 -12.33 7.80
N VAL A 150 0.12 -11.32 6.97
CA VAL A 150 1.18 -10.35 7.21
C VAL A 150 0.59 -8.96 7.10
N PRO A 151 1.25 -7.95 7.70
CA PRO A 151 2.44 -8.03 8.55
C PRO A 151 2.17 -8.76 9.87
N ALA A 152 3.22 -9.29 10.46
CA ALA A 152 3.10 -9.97 11.75
C ALA A 152 4.41 -9.86 12.48
N MET A 153 4.38 -9.87 13.81
CA MET A 153 5.63 -9.86 14.57
C MET A 153 5.47 -10.72 15.82
N PHE A 154 6.53 -11.45 16.14
CA PHE A 154 6.56 -12.41 17.24
C PHE A 154 7.77 -12.15 18.10
N VAL A 155 7.58 -12.23 19.41
CA VAL A 155 8.68 -12.01 20.34
C VAL A 155 8.99 -13.29 21.11
N ASN A 156 10.25 -13.71 21.02
CA ASN A 156 10.78 -14.90 21.70
C ASN A 156 9.99 -16.19 21.46
N GLY A 157 9.35 -16.27 20.30
CA GLY A 157 8.58 -17.44 19.92
C GLY A 157 7.40 -17.69 20.84
N LYS A 158 7.00 -16.67 21.59
CA LYS A 158 5.98 -16.83 22.61
C LYS A 158 4.81 -15.86 22.47
N TYR A 159 5.08 -14.66 21.99
CA TYR A 159 4.07 -13.61 21.97
C TYR A 159 3.90 -13.06 20.56
N GLN A 160 2.66 -12.78 20.19
CA GLN A 160 2.33 -12.25 18.87
C GLN A 160 1.77 -10.85 19.04
N LEU A 161 2.32 -9.90 18.31
CA LEU A 161 1.84 -8.52 18.42
C LEU A 161 0.40 -8.45 17.91
N ASN A 162 -0.43 -7.67 18.60
CA ASN A 162 -1.84 -7.54 18.26
C ASN A 162 -2.18 -6.08 18.04
N PRO A 163 -1.80 -5.53 16.87
CA PRO A 163 -2.02 -4.10 16.66
C PRO A 163 -3.48 -3.68 16.77
N GLN A 164 -4.40 -4.61 16.50
CA GLN A 164 -5.83 -4.34 16.63
C GLN A 164 -6.18 -3.82 18.01
N GLY A 165 -5.45 -4.29 19.01
CA GLY A 165 -5.73 -3.90 20.39
C GLY A 165 -4.90 -2.72 20.89
N MET A 166 -4.22 -2.05 19.98
CA MET A 166 -3.43 -0.85 20.34
C MET A 166 -4.17 0.44 20.05
N ASP A 167 -3.59 1.57 20.49
CA ASP A 167 -4.16 2.88 20.19
C ASP A 167 -3.86 3.25 18.74
N THR A 168 -4.85 3.05 17.90
CA THR A 168 -4.72 3.32 16.47
C THR A 168 -5.32 4.68 16.07
N SER A 169 -5.63 5.52 17.06
CA SER A 169 -6.28 6.81 16.83
C SER A 169 -5.34 7.83 16.19
N ASN A 170 -4.04 7.53 16.21
CA ASN A 170 -3.07 8.33 15.48
C ASN A 170 -1.94 7.42 15.03
N MET A 171 -1.49 7.59 13.80
CA MET A 171 -0.51 6.66 13.25
C MET A 171 0.80 6.69 14.05
N ASP A 172 1.20 7.88 14.52
CA ASP A 172 2.45 7.99 15.27
C ASP A 172 2.33 7.46 16.69
N VAL A 173 1.19 7.72 17.34
CA VAL A 173 0.90 7.09 18.63
C VAL A 173 0.93 5.57 18.49
N PHE A 174 0.31 5.08 17.41
CA PHE A 174 0.31 3.64 17.12
C PHE A 174 1.73 3.07 16.99
N VAL A 175 2.58 3.72 16.20
CA VAL A 175 3.93 3.21 15.98
C VAL A 175 4.67 3.14 17.31
N GLN A 176 4.46 4.16 18.13
CA GLN A 176 5.06 4.27 19.45
C GLN A 176 4.62 3.13 20.36
N GLN A 177 3.32 2.86 20.36
CA GLN A 177 2.79 1.76 21.17
C GLN A 177 3.27 0.40 20.69
N TYR A 178 3.32 0.24 19.38
CA TYR A 178 3.81 -1.00 18.80
C TYR A 178 5.24 -1.25 19.29
N ALA A 179 6.11 -0.25 19.15
CA ALA A 179 7.52 -0.39 19.55
C ALA A 179 7.67 -0.60 21.05
N ASP A 180 6.87 0.13 21.84
CA ASP A 180 6.94 -0.02 23.29
C ASP A 180 6.39 -1.38 23.74
N THR A 181 5.42 -1.92 23.02
CA THR A 181 4.92 -3.26 23.32
C THR A 181 5.99 -4.31 23.04
N VAL A 182 6.70 -4.17 21.92
CA VAL A 182 7.77 -5.12 21.64
C VAL A 182 8.83 -5.05 22.75
N LYS A 183 9.18 -3.84 23.18
CA LYS A 183 10.15 -3.68 24.26
C LYS A 183 9.68 -4.38 25.55
N TYR A 184 8.43 -4.11 25.93
CA TYR A 184 7.81 -4.73 27.09
C TYR A 184 7.88 -6.27 26.99
N LEU A 185 7.48 -6.80 25.84
CA LEU A 185 7.50 -8.25 25.64
C LEU A 185 8.91 -8.82 25.70
N SER A 186 9.88 -8.07 25.16
CA SER A 186 11.28 -8.53 25.17
C SER A 186 11.84 -8.61 26.59
N GLU A 187 11.29 -7.81 27.50
CA GLU A 187 11.74 -7.78 28.89
C GLU A 187 10.98 -8.78 29.76
N LYS A 188 9.99 -9.44 29.16
CA LYS A 188 9.04 -10.30 29.87
C LYS A 188 9.52 -11.74 29.96
N ALA B 1 -11.81 -10.08 -31.45
CA ALA B 1 -12.20 -8.68 -31.23
C ALA B 1 -11.19 -7.98 -30.37
N GLN B 2 -11.02 -6.68 -30.59
CA GLN B 2 -10.01 -5.94 -29.85
C GLN B 2 -10.32 -5.91 -28.35
N TYR B 3 -11.50 -5.39 -28.00
CA TYR B 3 -11.89 -5.32 -26.60
C TYR B 3 -12.62 -6.60 -26.21
N GLU B 4 -12.09 -7.28 -25.20
CA GLU B 4 -12.66 -8.55 -24.75
C GLU B 4 -12.94 -8.48 -23.26
N ASP B 5 -14.13 -8.94 -22.88
CA ASP B 5 -14.53 -8.96 -21.49
C ASP B 5 -13.55 -9.83 -20.70
N GLY B 6 -13.00 -9.28 -19.62
CA GLY B 6 -11.98 -9.96 -18.86
C GLY B 6 -10.57 -9.55 -19.23
N LYS B 7 -10.43 -8.86 -20.35
CA LYS B 7 -9.11 -8.39 -20.79
C LYS B 7 -8.89 -6.93 -20.34
N GLN B 8 -9.37 -5.96 -21.11
CA GLN B 8 -9.15 -4.55 -20.76
C GLN B 8 -10.11 -4.05 -19.68
N TYR B 9 -11.18 -4.80 -19.44
CA TYR B 9 -12.21 -4.40 -18.52
C TYR B 9 -12.96 -5.63 -18.02
N THR B 10 -13.73 -5.47 -16.95
CA THR B 10 -14.68 -6.48 -16.53
C THR B 10 -16.07 -5.88 -16.43
N THR B 11 -17.08 -6.73 -16.40
CA THR B 11 -18.48 -6.30 -16.35
C THR B 11 -19.09 -6.59 -14.99
N LEU B 12 -19.63 -5.57 -14.34
CA LEU B 12 -20.23 -5.72 -13.02
C LEU B 12 -21.47 -6.58 -13.09
N GLU B 13 -21.59 -7.53 -12.15
CA GLU B 13 -22.74 -8.42 -12.07
C GLU B 13 -24.02 -7.66 -11.76
N LYS B 14 -23.89 -6.64 -10.92
CA LYS B 14 -25.04 -5.85 -10.50
C LYS B 14 -24.74 -4.37 -10.65
N PRO B 15 -24.91 -3.83 -11.85
CA PRO B 15 -24.62 -2.42 -12.11
C PRO B 15 -25.61 -1.54 -11.36
N VAL B 16 -25.19 -0.35 -10.97
CA VAL B 16 -26.09 0.55 -10.24
C VAL B 16 -26.39 1.79 -11.07
N ALA B 17 -27.66 2.20 -11.06
CA ALA B 17 -28.12 3.31 -11.88
C ALA B 17 -27.71 4.65 -11.29
N GLY B 18 -27.65 5.66 -12.16
CA GLY B 18 -27.33 7.01 -11.73
C GLY B 18 -25.85 7.18 -11.43
N ALA B 19 -25.06 6.18 -11.80
CA ALA B 19 -23.62 6.25 -11.59
C ALA B 19 -23.01 7.30 -12.48
N PRO B 20 -21.94 7.96 -12.01
CA PRO B 20 -21.20 8.90 -12.85
C PRO B 20 -20.72 8.21 -14.14
N GLN B 21 -20.59 8.98 -15.22
CA GLN B 21 -20.16 8.45 -16.51
C GLN B 21 -18.80 7.77 -16.39
N VAL B 22 -17.85 8.49 -15.78
CA VAL B 22 -16.52 7.96 -15.58
C VAL B 22 -16.11 8.25 -14.14
N LEU B 23 -15.95 7.20 -13.36
CA LEU B 23 -15.71 7.37 -11.93
C LEU B 23 -14.41 6.73 -11.51
N GLU B 24 -13.50 7.55 -11.00
CA GLU B 24 -12.20 7.09 -10.53
C GLU B 24 -12.18 7.09 -9.00
N PHE B 25 -11.60 6.07 -8.39
CA PHE B 25 -11.40 6.04 -6.95
C PHE B 25 -9.91 6.03 -6.67
N PHE B 26 -9.51 6.72 -5.61
CA PHE B 26 -8.10 6.71 -5.20
C PHE B 26 -7.97 6.92 -3.71
N SER B 27 -6.75 6.79 -3.20
CA SER B 27 -6.41 7.18 -1.84
C SER B 27 -5.08 7.91 -1.84
N PHE B 28 -4.92 8.90 -0.98
CA PHE B 28 -3.63 9.57 -0.86
C PHE B 28 -2.59 8.66 -0.22
N PHE B 29 -3.02 7.56 0.39
CA PHE B 29 -2.12 6.54 0.95
C PHE B 29 -1.66 5.50 -0.09
N CYS B 30 -2.27 5.53 -1.26
CA CYS B 30 -2.14 4.46 -2.26
C CYS B 30 -0.96 4.75 -3.21
N PRO B 31 0.13 3.95 -3.11
CA PRO B 31 1.29 4.28 -3.95
C PRO B 31 1.02 4.11 -5.44
N HIS B 32 0.26 3.10 -5.83
CA HIS B 32 -0.01 2.92 -7.26
C HIS B 32 -0.95 4.03 -7.77
N CYS B 33 -1.77 4.59 -6.87
CA CYS B 33 -2.59 5.74 -7.21
C CYS B 33 -1.72 6.95 -7.52
N TYR B 34 -0.69 7.15 -6.69
N TYR B 34 -0.68 7.18 -6.70
CA TYR B 34 0.29 8.22 -6.86
CA TYR B 34 0.21 8.29 -6.98
C TYR B 34 0.95 8.08 -8.24
C TYR B 34 0.90 8.08 -8.32
N GLN B 35 1.35 6.85 -8.56
CA GLN B 35 1.94 6.51 -9.84
C GLN B 35 1.00 6.81 -11.01
N PHE B 36 -0.24 6.34 -10.92
CA PHE B 36 -1.24 6.60 -11.96
C PHE B 36 -1.41 8.10 -12.22
N GLU B 37 -1.63 8.85 -11.16
CA GLU B 37 -2.00 10.24 -11.32
C GLU B 37 -0.81 11.13 -11.71
N GLU B 38 0.31 10.95 -11.03
CA GLU B 38 1.41 11.90 -11.13
C GLU B 38 2.60 11.46 -11.99
N VAL B 39 2.69 10.17 -12.31
CA VAL B 39 3.80 9.69 -13.11
C VAL B 39 3.32 9.25 -14.49
N LEU B 40 2.33 8.36 -14.52
CA LEU B 40 1.80 7.91 -15.81
C LEU B 40 0.81 8.91 -16.41
N HIS B 41 0.21 9.73 -15.56
N HIS B 41 0.23 9.77 -15.57
CA HIS B 41 -0.81 10.72 -15.94
CA HIS B 41 -0.79 10.72 -16.02
C HIS B 41 -2.02 10.04 -16.58
C HIS B 41 -1.99 10.00 -16.62
N ILE B 42 -2.47 8.94 -15.97
CA ILE B 42 -3.60 8.20 -16.49
C ILE B 42 -4.84 9.07 -16.70
N SER B 43 -5.26 9.83 -15.69
CA SER B 43 -6.49 10.62 -15.82
C SER B 43 -6.35 11.70 -16.89
N ASP B 44 -5.15 12.31 -17.01
CA ASP B 44 -4.92 13.32 -18.05
C ASP B 44 -5.13 12.72 -19.43
N ASN B 45 -4.57 11.53 -19.63
CA ASN B 45 -4.50 10.96 -20.95
N VAL B 46 -6.88 9.80 -20.19
CA VAL B 46 -8.30 9.48 -20.30
C VAL B 46 -9.07 10.72 -20.73
N LYS B 47 -8.87 11.83 -20.03
CA LYS B 47 -9.66 13.03 -20.29
C LYS B 47 -9.45 13.55 -21.71
N LYS B 48 -8.20 13.51 -22.18
CA LYS B 48 -7.86 13.97 -23.54
C LYS B 48 -8.70 13.29 -24.61
N LYS B 49 -9.11 12.06 -24.32
CA LYS B 49 -9.77 11.26 -25.33
C LYS B 49 -11.24 11.02 -25.07
N LEU B 50 -11.76 11.56 -23.98
CA LEU B 50 -13.18 11.38 -23.67
C LEU B 50 -14.06 12.10 -24.65
N PRO B 51 -15.16 11.45 -25.09
CA PRO B 51 -16.12 12.04 -26.01
C PRO B 51 -16.74 13.31 -25.43
N GLU B 52 -17.29 14.15 -26.29
CA GLU B 52 -17.99 15.35 -25.85
C GLU B 52 -19.12 14.99 -24.88
N GLY B 53 -19.25 15.79 -23.82
CA GLY B 53 -20.33 15.60 -22.86
C GLY B 53 -20.06 14.54 -21.81
N VAL B 54 -18.83 14.04 -21.77
CA VAL B 54 -18.46 13.05 -20.76
C VAL B 54 -17.49 13.66 -19.76
N LYS B 55 -17.90 13.68 -18.49
CA LYS B 55 -17.10 14.29 -17.42
C LYS B 55 -16.45 13.23 -16.54
N MET B 56 -15.29 13.57 -15.97
CA MET B 56 -14.61 12.66 -15.07
C MET B 56 -14.91 13.03 -13.63
N THR B 57 -15.24 12.01 -12.84
CA THR B 57 -15.46 12.17 -11.43
C THR B 57 -14.39 11.41 -10.68
N LYS B 58 -13.85 12.01 -9.62
CA LYS B 58 -12.82 11.33 -8.83
C LYS B 58 -13.17 11.41 -7.35
N TYR B 59 -13.24 10.25 -6.71
CA TYR B 59 -13.56 10.15 -5.29
C TYR B 59 -12.43 9.51 -4.50
N HIS B 60 -12.31 9.93 -3.24
CA HIS B 60 -11.33 9.36 -2.31
C HIS B 60 -12.00 8.22 -1.54
N VAL B 61 -11.20 7.27 -1.05
CA VAL B 61 -11.77 6.16 -0.29
C VAL B 61 -11.28 6.14 1.14
N ASN B 62 -12.06 5.51 2.01
CA ASN B 62 -11.76 5.51 3.45
C ASN B 62 -10.81 4.41 3.89
N PHE B 63 -10.69 3.35 3.09
CA PHE B 63 -10.18 2.09 3.63
C PHE B 63 -8.67 1.90 3.59
N MET B 64 -7.93 2.96 3.25
CA MET B 64 -6.48 2.96 3.42
C MET B 64 -6.06 4.05 4.41
N GLY B 65 -4.98 3.80 5.15
CA GLY B 65 -4.41 4.81 6.02
C GLY B 65 -5.00 4.94 7.42
N GLY B 66 -5.75 3.94 7.85
CA GLY B 66 -6.39 3.99 9.16
C GLY B 66 -7.35 5.16 9.24
N ASP B 67 -7.52 5.71 10.44
CA ASP B 67 -8.48 6.80 10.60
C ASP B 67 -8.16 8.04 9.78
N LEU B 68 -6.88 8.30 9.51
CA LEU B 68 -6.50 9.48 8.74
C LEU B 68 -7.05 9.37 7.34
N GLY B 69 -7.29 8.14 6.89
CA GLY B 69 -7.88 7.92 5.59
C GLY B 69 -9.26 8.53 5.51
N LYS B 70 -10.03 8.42 6.59
CA LYS B 70 -11.35 9.02 6.64
C LYS B 70 -11.26 10.56 6.60
N ASP B 71 -10.32 11.12 7.35
CA ASP B 71 -10.12 12.56 7.31
C ASP B 71 -9.71 13.03 5.90
N LEU B 72 -8.95 12.20 5.20
CA LEU B 72 -8.54 12.56 3.85
C LEU B 72 -9.73 12.51 2.89
N THR B 73 -10.69 11.63 3.15
CA THR B 73 -11.88 11.60 2.31
C THR B 73 -12.70 12.87 2.51
N GLN B 74 -12.79 13.33 3.75
CA GLN B 74 -13.46 14.59 4.02
C GLN B 74 -12.66 15.78 3.45
N ALA B 75 -11.34 15.75 3.56
CA ALA B 75 -10.50 16.80 2.96
C ALA B 75 -10.66 16.86 1.46
N TRP B 76 -10.80 15.69 0.83
CA TRP B 76 -11.00 15.65 -0.61
C TRP B 76 -12.35 16.25 -0.97
N ALA B 77 -13.35 16.00 -0.13
CA ALA B 77 -14.65 16.67 -0.29
C ALA B 77 -14.49 18.19 -0.21
N VAL B 78 -13.67 18.65 0.74
CA VAL B 78 -13.37 20.09 0.85
C VAL B 78 -12.70 20.59 -0.43
N ALA B 79 -11.74 19.83 -0.94
CA ALA B 79 -11.05 20.21 -2.17
C ALA B 79 -12.03 20.31 -3.34
N MET B 80 -12.96 19.36 -3.44
CA MET B 80 -13.97 19.45 -4.50
C MET B 80 -14.88 20.66 -4.32
N ALA B 81 -15.33 20.89 -3.09
CA ALA B 81 -16.25 21.98 -2.79
C ALA B 81 -15.63 23.35 -3.05
N LEU B 82 -14.32 23.48 -2.79
CA LEU B 82 -13.61 24.73 -2.97
C LEU B 82 -12.99 24.87 -4.36
N GLY B 83 -12.99 23.79 -5.13
CA GLY B 83 -12.38 23.81 -6.44
C GLY B 83 -10.86 23.95 -6.41
N VAL B 84 -10.22 23.29 -5.45
CA VAL B 84 -8.77 23.38 -5.34
C VAL B 84 -8.08 22.03 -5.52
N GLU B 85 -8.73 21.09 -6.20
CA GLU B 85 -8.13 19.79 -6.49
C GLU B 85 -6.77 19.94 -7.15
N ASP B 86 -6.64 20.89 -8.08
CA ASP B 86 -5.41 21.03 -8.82
C ASP B 86 -4.40 21.94 -8.09
N LYS B 87 -4.64 22.23 -6.82
CA LYS B 87 -3.64 22.89 -6.00
C LYS B 87 -3.16 21.99 -4.86
N VAL B 88 -4.03 21.13 -4.34
CA VAL B 88 -3.68 20.38 -3.13
C VAL B 88 -3.33 18.92 -3.39
N THR B 89 -3.52 18.43 -4.61
CA THR B 89 -3.28 17.01 -4.83
C THR B 89 -1.81 16.63 -4.61
N VAL B 90 -0.89 17.42 -5.14
CA VAL B 90 0.52 17.12 -4.98
C VAL B 90 0.99 17.24 -3.52
N PRO B 91 0.67 18.34 -2.80
CA PRO B 91 1.14 18.40 -1.41
C PRO B 91 0.49 17.34 -0.52
N LEU B 92 -0.72 16.89 -0.83
CA LEU B 92 -1.30 15.81 -0.05
C LEU B 92 -0.61 14.47 -0.36
N PHE B 93 -0.38 14.14 -1.63
CA PHE B 93 0.37 12.90 -1.95
C PHE B 93 1.75 12.96 -1.35
N GLU B 94 2.44 14.09 -1.53
CA GLU B 94 3.81 14.21 -1.07
C GLU B 94 3.87 14.18 0.45
N GLY B 95 2.92 14.85 1.10
CA GLY B 95 2.93 14.90 2.55
C GLY B 95 2.62 13.56 3.18
N VAL B 96 1.74 12.78 2.58
CA VAL B 96 1.46 11.44 3.10
C VAL B 96 2.58 10.44 2.78
N GLN B 97 2.97 10.36 1.50
CA GLN B 97 3.85 9.29 1.04
C GLN B 97 5.34 9.62 0.94
N LYS B 98 5.68 10.88 0.67
CA LYS B 98 7.08 11.24 0.39
C LYS B 98 7.79 11.80 1.62
N THR B 99 7.29 12.92 2.13
CA THR B 99 7.95 13.56 3.26
C THR B 99 7.41 13.08 4.60
N GLN B 100 6.23 12.44 4.56
CA GLN B 100 5.57 11.94 5.75
C GLN B 100 5.40 13.03 6.81
N THR B 101 5.00 14.21 6.35
CA THR B 101 4.64 15.32 7.21
C THR B 101 3.13 15.44 7.45
N ILE B 102 2.35 14.57 6.84
CA ILE B 102 0.91 14.55 7.07
C ILE B 102 0.55 13.32 7.88
N ARG B 103 0.22 13.55 9.15
CA ARG B 103 0.01 12.46 10.11
C ARG B 103 -1.27 12.64 10.90
N SER B 104 -1.91 13.80 10.72
N SER B 104 -1.88 13.83 10.79
CA SER B 104 -3.05 14.20 11.54
CA SER B 104 -3.08 14.18 11.54
C SER B 104 -3.95 15.14 10.75
C SER B 104 -3.99 15.05 10.71
N ALA B 105 -5.20 15.30 11.21
CA ALA B 105 -6.13 16.20 10.52
C ALA B 105 -5.57 17.61 10.44
N SER B 106 -4.85 18.04 11.48
CA SER B 106 -4.27 19.38 11.50
CA SER B 106 -4.28 19.37 11.49
C SER B 106 -3.24 19.54 10.38
N ASP B 107 -2.49 18.48 10.09
CA ASP B 107 -1.50 18.53 9.00
C ASP B 107 -2.19 18.68 7.64
N ILE B 108 -3.36 18.06 7.48
CA ILE B 108 -4.14 18.23 6.25
C ILE B 108 -4.60 19.68 6.11
N ARG B 109 -5.14 20.23 7.18
CA ARG B 109 -5.57 21.63 7.20
C ARG B 109 -4.42 22.55 6.79
N ASP B 110 -3.22 22.27 7.32
CA ASP B 110 -2.06 23.07 6.99
C ASP B 110 -1.77 23.10 5.49
N VAL B 111 -1.94 21.97 4.82
CA VAL B 111 -1.76 21.93 3.37
C VAL B 111 -2.70 22.94 2.67
N PHE B 112 -3.96 22.98 3.07
CA PHE B 112 -4.90 23.91 2.42
C PHE B 112 -4.53 25.36 2.71
N ILE B 113 -4.14 25.65 3.95
CA ILE B 113 -3.74 27.01 4.32
C ILE B 113 -2.47 27.42 3.55
N ASN B 114 -1.53 26.49 3.42
CA ASN B 114 -0.29 26.77 2.70
C ASN B 114 -0.55 27.04 1.21
N ALA B 115 -1.62 26.46 0.67
CA ALA B 115 -2.03 26.70 -0.71
C ALA B 115 -2.91 27.96 -0.87
N GLY B 116 -3.11 28.71 0.20
CA GLY B 116 -3.78 29.99 0.06
C GLY B 116 -5.24 30.04 0.51
N ILE B 117 -5.77 28.93 0.97
CA ILE B 117 -7.12 28.89 1.51
C ILE B 117 -7.09 29.42 2.94
N LYS B 118 -8.01 30.34 3.27
CA LYS B 118 -8.07 30.86 4.63
C LYS B 118 -8.50 29.75 5.59
N GLY B 119 -7.88 29.70 6.76
CA GLY B 119 -8.23 28.70 7.75
C GLY B 119 -9.70 28.74 8.09
N GLU B 120 -10.26 29.94 8.23
CA GLU B 120 -11.68 30.07 8.57
C GLU B 120 -12.57 29.47 7.49
N GLU B 121 -12.12 29.58 6.24
CA GLU B 121 -12.89 29.09 5.11
C GLU B 121 -12.75 27.58 4.96
N TYR B 122 -11.55 27.07 5.20
CA TYR B 122 -11.37 25.62 5.25
C TYR B 122 -12.28 25.03 6.32
N ASP B 123 -12.30 25.64 7.49
CA ASP B 123 -13.10 25.10 8.58
C ASP B 123 -14.59 25.16 8.26
N ALA B 124 -15.04 26.28 7.70
CA ALA B 124 -16.43 26.41 7.28
C ALA B 124 -16.81 25.35 6.25
N ALA B 125 -15.92 25.12 5.28
CA ALA B 125 -16.15 24.09 4.28
C ALA B 125 -16.19 22.70 4.94
N TRP B 126 -15.21 22.44 5.80
CA TRP B 126 -15.12 21.16 6.49
C TRP B 126 -16.44 20.78 7.17
N ASN B 127 -17.10 21.78 7.75
CA ASN B 127 -18.32 21.56 8.52
C ASN B 127 -19.63 21.82 7.73
N SER B 128 -19.50 22.05 6.43
CA SER B 128 -20.64 22.42 5.60
C SER B 128 -21.52 21.23 5.20
N PHE B 129 -22.79 21.51 4.89
CA PHE B 129 -23.68 20.48 4.38
C PHE B 129 -23.19 19.94 3.04
N VAL B 130 -22.63 20.82 2.21
CA VAL B 130 -22.09 20.38 0.92
C VAL B 130 -21.04 19.30 1.12
N VAL B 131 -20.13 19.52 2.06
CA VAL B 131 -19.06 18.55 2.30
C VAL B 131 -19.57 17.29 2.99
N LYS B 132 -20.48 17.43 3.95
CA LYS B 132 -21.09 16.26 4.57
C LYS B 132 -21.76 15.38 3.50
N SER B 133 -22.46 16.02 2.58
CA SER B 133 -23.14 15.31 1.49
C SER B 133 -22.15 14.64 0.55
N LEU B 134 -21.04 15.34 0.29
CA LEU B 134 -20.00 14.81 -0.60
C LEU B 134 -19.32 13.60 0.02
N VAL B 135 -19.11 13.62 1.33
CA VAL B 135 -18.51 12.47 1.99
C VAL B 135 -19.42 11.25 1.86
N ALA B 136 -20.71 11.44 2.10
CA ALA B 136 -21.68 10.35 1.98
C ALA B 136 -21.75 9.85 0.55
N GLN B 137 -21.65 10.77 -0.41
CA GLN B 137 -21.68 10.41 -1.82
C GLN B 137 -20.48 9.54 -2.18
N GLN B 138 -19.30 9.92 -1.70
CA GLN B 138 -18.10 9.14 -1.98
C GLN B 138 -18.17 7.75 -1.36
N GLU B 139 -18.68 7.68 -0.14
CA GLU B 139 -18.82 6.38 0.53
C GLU B 139 -19.87 5.50 -0.14
N LYS B 140 -21.00 6.07 -0.53
CA LYS B 140 -22.05 5.29 -1.21
C LYS B 140 -21.55 4.74 -2.55
N ALA B 141 -20.83 5.57 -3.30
CA ALA B 141 -20.33 5.16 -4.61
C ALA B 141 -19.43 3.94 -4.49
N ALA B 142 -18.57 3.93 -3.47
CA ALA B 142 -17.69 2.81 -3.22
C ALA B 142 -18.49 1.59 -2.81
N ALA B 143 -19.51 1.80 -1.97
CA ALA B 143 -20.36 0.70 -1.53
C ALA B 143 -21.09 0.10 -2.72
N ASP B 144 -21.60 0.97 -3.60
CA ASP B 144 -22.40 0.53 -4.73
C ASP B 144 -21.66 -0.42 -5.65
N VAL B 145 -20.34 -0.31 -5.73
CA VAL B 145 -19.56 -1.21 -6.57
C VAL B 145 -18.76 -2.21 -5.76
N GLN B 146 -19.07 -2.29 -4.47
CA GLN B 146 -18.39 -3.21 -3.54
C GLN B 146 -16.89 -3.06 -3.67
N LEU B 147 -16.43 -1.81 -3.64
CA LEU B 147 -15.03 -1.48 -3.87
C LEU B 147 -14.11 -2.09 -2.82
N ARG B 148 -13.07 -2.77 -3.27
CA ARG B 148 -12.15 -3.45 -2.36
C ARG B 148 -10.72 -2.94 -2.48
N GLY B 149 -10.44 -2.17 -3.51
CA GLY B 149 -9.11 -1.62 -3.67
C GLY B 149 -9.05 -0.49 -4.67
N VAL B 150 -7.96 0.26 -4.59
CA VAL B 150 -7.67 1.37 -5.49
C VAL B 150 -6.25 1.18 -6.02
N PRO B 151 -5.92 1.80 -7.17
CA PRO B 151 -6.80 2.60 -8.02
C PRO B 151 -7.90 1.78 -8.68
N ALA B 152 -8.98 2.45 -9.04
CA ALA B 152 -10.08 1.81 -9.74
C ALA B 152 -10.79 2.86 -10.58
N MET B 153 -11.34 2.42 -11.70
CA MET B 153 -12.15 3.29 -12.55
C MET B 153 -13.31 2.50 -13.13
N PHE B 154 -14.48 3.13 -13.11
CA PHE B 154 -15.71 2.53 -13.59
C PHE B 154 -16.35 3.42 -14.67
N VAL B 155 -16.93 2.80 -15.69
CA VAL B 155 -17.63 3.56 -16.72
C VAL B 155 -19.12 3.22 -16.66
N ASN B 156 -19.93 4.27 -16.49
CA ASN B 156 -21.39 4.19 -16.40
C ASN B 156 -21.93 3.17 -15.40
N GLY B 157 -21.15 2.91 -14.35
CA GLY B 157 -21.54 1.95 -13.34
C GLY B 157 -21.69 0.54 -13.87
N LYS B 158 -21.17 0.30 -15.06
CA LYS B 158 -21.38 -0.99 -15.73
C LYS B 158 -20.08 -1.76 -15.90
N TYR B 159 -18.99 -1.03 -16.13
CA TYR B 159 -17.73 -1.68 -16.43
C TYR B 159 -16.62 -1.18 -15.52
N GLN B 160 -15.71 -2.08 -15.21
CA GLN B 160 -14.56 -1.77 -14.37
C GLN B 160 -13.29 -1.93 -15.19
N LEU B 161 -12.44 -0.91 -15.18
CA LEU B 161 -11.19 -0.96 -15.93
C LEU B 161 -10.31 -2.07 -15.36
N ASN B 162 -9.62 -2.79 -16.25
CA ASN B 162 -8.78 -3.90 -15.82
C ASN B 162 -7.35 -3.74 -16.32
N PRO B 163 -6.58 -2.80 -15.72
CA PRO B 163 -5.21 -2.59 -16.19
C PRO B 163 -4.34 -3.84 -16.12
N GLN B 164 -4.65 -4.76 -15.19
N GLN B 164 -4.63 -4.74 -15.18
CA GLN B 164 -3.84 -5.96 -15.04
CA GLN B 164 -3.84 -5.95 -15.06
C GLN B 164 -4.03 -6.92 -16.22
C GLN B 164 -3.89 -6.76 -16.35
N GLY B 165 -4.98 -6.61 -17.11
CA GLY B 165 -5.16 -7.35 -18.35
C GLY B 165 -4.63 -6.65 -19.59
N MET B 166 -4.03 -5.48 -19.40
CA MET B 166 -3.49 -4.67 -20.49
C MET B 166 -1.99 -4.90 -20.70
N ASP B 167 -1.41 -4.17 -21.65
CA ASP B 167 0.03 -4.20 -21.90
C ASP B 167 0.78 -3.59 -20.73
N THR B 168 1.52 -4.41 -20.01
CA THR B 168 2.19 -3.96 -18.80
C THR B 168 3.68 -3.76 -19.02
N SER B 169 4.10 -3.74 -20.27
CA SER B 169 5.51 -3.59 -20.60
C SER B 169 5.80 -2.17 -21.04
N ASN B 170 5.20 -1.79 -22.16
CA ASN B 170 5.38 -0.47 -22.73
C ASN B 170 4.40 0.48 -22.06
N MET B 171 4.90 1.37 -21.20
CA MET B 171 4.00 2.25 -20.47
C MET B 171 3.31 3.28 -21.37
N ASP B 172 3.98 3.76 -22.40
CA ASP B 172 3.31 4.72 -23.30
C ASP B 172 2.11 4.05 -24.00
N VAL B 173 2.29 2.81 -24.43
CA VAL B 173 1.21 2.05 -25.05
C VAL B 173 0.15 1.69 -24.02
N PHE B 174 0.58 1.28 -22.83
CA PHE B 174 -0.33 1.01 -21.72
C PHE B 174 -1.25 2.18 -21.43
N VAL B 175 -0.67 3.37 -21.28
CA VAL B 175 -1.44 4.55 -20.93
C VAL B 175 -2.50 4.85 -22.00
N GLN B 176 -2.15 4.70 -23.27
CA GLN B 176 -3.16 4.97 -24.30
C GLN B 176 -4.16 3.83 -24.40
N GLN B 177 -3.75 2.61 -24.07
CA GLN B 177 -4.68 1.49 -24.06
C GLN B 177 -5.73 1.71 -22.97
N TYR B 178 -5.28 2.19 -21.81
CA TYR B 178 -6.18 2.50 -20.71
C TYR B 178 -7.16 3.61 -21.16
N ALA B 179 -6.61 4.69 -21.72
CA ALA B 179 -7.45 5.80 -22.19
C ALA B 179 -8.43 5.36 -23.29
N ASP B 180 -7.96 4.53 -24.20
CA ASP B 180 -8.79 4.09 -25.31
C ASP B 180 -9.88 3.15 -24.83
N THR B 181 -9.60 2.37 -23.79
CA THR B 181 -10.58 1.47 -23.22
C THR B 181 -11.70 2.27 -22.59
N VAL B 182 -11.35 3.31 -21.85
CA VAL B 182 -12.38 4.18 -21.25
C VAL B 182 -13.25 4.81 -22.33
N LYS B 183 -12.61 5.33 -23.38
CA LYS B 183 -13.34 5.93 -24.51
C LYS B 183 -14.29 4.92 -25.14
N TYR B 184 -13.78 3.73 -25.43
CA TYR B 184 -14.59 2.69 -26.05
C TYR B 184 -15.78 2.29 -25.18
N LEU B 185 -15.52 2.11 -23.89
CA LEU B 185 -16.58 1.73 -22.96
C LEU B 185 -17.63 2.84 -22.84
N SER B 186 -17.19 4.10 -22.86
CA SER B 186 -18.11 5.21 -22.77
CA SER B 186 -18.11 5.23 -22.78
C SER B 186 -19.02 5.28 -24.00
N GLU B 187 -18.56 4.73 -25.11
CA GLU B 187 -19.34 4.74 -26.36
C GLU B 187 -20.29 3.55 -26.47
N LYS B 188 -20.21 2.62 -25.52
CA LYS B 188 -21.10 1.45 -25.49
C LYS B 188 -22.49 1.85 -25.01
C01 WF4 C . -4.74 -5.77 12.78
C02 WF4 C . -5.23 -4.36 12.62
C03 WF4 C . -6.55 -4.04 12.52
C04 WF4 C . -7.72 -5.03 12.55
O05 WF4 C . -8.53 -4.95 13.52
O06 WF4 C . -7.79 -5.87 11.61
S07 WF4 C . -6.71 -2.32 12.33
C08 WF4 C . -4.95 -2.12 12.39
C09 WF4 C . -4.33 -0.75 12.29
C10 WF4 C . -5.10 0.39 12.09
C11 WF4 C . -4.56 1.67 12.02
C12 WF4 C . -3.20 1.86 12.13
C13 WF4 C . -2.59 3.26 12.06
F14 WF4 C . -2.73 3.95 13.18
F15 WF4 C . -3.22 4.00 11.11
F16 WF4 C . -1.32 3.31 11.75
C17 WF4 C . -2.40 0.73 12.34
C18 WF4 C . -2.96 -0.54 12.41
N19 WF4 C . -4.31 -3.27 12.55
C01 WF4 D . -5.78 -4.68 9.11
C02 WF4 D . -4.47 -3.95 9.16
C03 WF4 D . -3.26 -4.56 9.47
C04 WF4 D . -3.02 -6.03 9.81
O05 WF4 D . -2.34 -6.28 10.87
O06 WF4 D . -3.48 -6.91 9.04
S07 WF4 D . -1.99 -3.38 9.43
C08 WF4 D . -3.15 -2.10 8.97
C09 WF4 D . -2.69 -0.71 8.70
C10 WF4 D . -1.35 -0.48 8.39
C11 WF4 D . -0.85 0.78 8.10
C12 WF4 D . -1.69 1.86 8.08
C13 WF4 D . -1.09 3.23 7.73
F14 WF4 D . 0.14 3.44 8.16
F15 WF4 D . -1.82 4.22 8.33
F16 WF4 D . -1.10 3.53 6.45
C17 WF4 D . -3.04 1.69 8.36
C18 WF4 D . -3.54 0.41 8.66
N19 WF4 D . -4.39 -2.54 8.86
CU CU E . -10.81 -10.59 -29.74
C1 GOL F . -11.26 29.86 -1.99
O1 GOL F . -11.55 29.46 -0.67
C2 GOL F . -11.33 28.66 -2.94
O2 GOL F . -12.67 28.42 -3.29
C3 GOL F . -10.54 28.99 -4.20
O3 GOL F . -10.97 30.24 -4.69
C1 EDO G . -16.25 -10.08 -25.97
O1 EDO G . -15.41 -10.65 -24.96
C2 EDO G . -16.73 -8.70 -25.54
O2 EDO G . -17.55 -8.14 -26.57
#